data_7DVP
#
_entry.id   7DVP
#
_cell.length_a   98.228
_cell.length_b   82.581
_cell.length_c   54.145
_cell.angle_alpha   90.000
_cell.angle_beta   117.790
_cell.angle_gamma   90.000
#
_symmetry.space_group_name_H-M   'C 1 2 1'
#
loop_
_entity.id
_entity.type
_entity.pdbx_description
1 polymer '3C-like proteinase'
2 polymer 'nsp4/5 peptidyl substrate'
3 water water
#
loop_
_entity_poly.entity_id
_entity_poly.type
_entity_poly.pdbx_seq_one_letter_code
_entity_poly.pdbx_strand_id
1 'polypeptide(L)'
;SGFRKMAFPSGKVEGCMVQVTCGTTTLNGLWLDDVVYCPRAVICTSEDMLNPNYEDLLIRKSNHNFLVQAGNVQLRVIGH
SMQNCVLKLKVDTANPKTPKYKFVRIQPGQTFSVLACYNGSPSGVYQCAMRPNFTIKGSFLNGSCGSVGFNIDYDCVSFC
YMHHMELPTGVHAGTDLEGNFYGPFVDRQTAQAAGTDTTITVNVLAWLYAAVINGDRWFLNRFTTTLNDFNLVAMKYNYE
PLTQDHVDILGPLSAQTGIAVLDMCASLKELLQNGMNGRTILGSALLEDEFTPFDVVRQCSGVTFQ
;
A
2 'polypeptide(L)' QTSITSAVLQSGFRKMAFPS C
#
# COMPACT_ATOMS: atom_id res chain seq x y z
N SER A 1 -13.68 -3.85 22.12
CA SER A 1 -12.34 -3.38 22.49
C SER A 1 -11.28 -4.11 21.67
N GLY A 2 -10.02 -3.71 21.83
CA GLY A 2 -8.94 -4.21 21.02
C GLY A 2 -8.64 -3.31 19.84
N PHE A 3 -7.45 -3.49 19.28
CA PHE A 3 -7.06 -2.66 18.12
C PHE A 3 -5.97 -3.41 17.36
N ARG A 4 -6.28 -3.81 16.14
CA ARG A 4 -5.42 -4.66 15.34
C ARG A 4 -5.12 -3.99 14.00
N LYS A 5 -3.99 -4.34 13.41
CA LYS A 5 -3.76 -4.03 12.00
C LYS A 5 -4.77 -4.82 11.19
N MET A 6 -5.81 -4.16 10.70
CA MET A 6 -6.97 -4.82 10.13
C MET A 6 -7.02 -4.56 8.63
N ALA A 7 -6.98 -5.64 7.85
CA ALA A 7 -7.12 -5.53 6.42
C ALA A 7 -8.58 -5.67 6.01
N PHE A 8 -8.88 -5.25 4.79
CA PHE A 8 -10.21 -5.47 4.27
C PHE A 8 -10.39 -6.94 3.87
N PRO A 9 -11.61 -7.46 3.96
CA PRO A 9 -11.87 -8.81 3.43
C PRO A 9 -11.46 -8.87 1.97
N SER A 10 -10.73 -9.92 1.62
CA SER A 10 -10.00 -9.98 0.35
C SER A 10 -10.75 -10.73 -0.75
N GLY A 11 -11.93 -11.27 -0.46
CA GLY A 11 -12.59 -12.16 -1.42
C GLY A 11 -12.86 -11.52 -2.75
N LYS A 12 -13.32 -10.26 -2.75
CA LYS A 12 -13.61 -9.59 -4.02
C LYS A 12 -12.37 -9.43 -4.88
N VAL A 13 -11.18 -9.41 -4.27
CA VAL A 13 -9.94 -9.31 -5.03
C VAL A 13 -9.43 -10.70 -5.44
N GLU A 14 -9.58 -11.69 -4.55
CA GLU A 14 -9.15 -13.05 -4.88
C GLU A 14 -9.77 -13.52 -6.18
N GLY A 15 -11.04 -13.18 -6.41
CA GLY A 15 -11.72 -13.59 -7.62
C GLY A 15 -11.18 -12.97 -8.89
N CYS A 16 -10.26 -12.03 -8.77
CA CYS A 16 -9.69 -11.33 -9.92
C CYS A 16 -8.26 -11.72 -10.23
N MET A 17 -7.62 -12.55 -9.40
CA MET A 17 -6.21 -12.85 -9.57
C MET A 17 -6.02 -13.95 -10.61
N VAL A 18 -5.11 -13.72 -11.56
CA VAL A 18 -4.77 -14.69 -12.59
C VAL A 18 -3.25 -14.77 -12.70
N GLN A 19 -2.79 -15.74 -13.47
CA GLN A 19 -1.38 -15.94 -13.74
C GLN A 19 -1.10 -15.50 -15.18
N VAL A 20 -0.08 -14.69 -15.37
CA VAL A 20 0.33 -14.25 -16.70
C VAL A 20 1.75 -14.74 -16.94
N THR A 21 1.95 -15.44 -18.05
CA THR A 21 3.26 -16.00 -18.37
C THR A 21 3.65 -15.59 -19.78
N CYS A 22 4.87 -15.08 -19.92
CA CYS A 22 5.44 -14.78 -21.23
C CYS A 22 6.76 -15.53 -21.28
N GLY A 23 6.79 -16.61 -22.07
CA GLY A 23 7.97 -17.45 -22.12
C GLY A 23 8.17 -18.15 -20.79
N THR A 24 9.32 -17.88 -20.16
CA THR A 24 9.67 -18.47 -18.88
C THR A 24 9.38 -17.55 -17.69
N THR A 25 8.97 -16.31 -17.95
CA THR A 25 8.69 -15.34 -16.89
C THR A 25 7.22 -15.38 -16.54
N THR A 26 6.91 -15.50 -15.25
CA THR A 26 5.53 -15.57 -14.80
C THR A 26 5.32 -14.62 -13.64
N LEU A 27 4.09 -14.09 -13.56
CA LEU A 27 3.71 -13.20 -12.47
C LEU A 27 2.19 -13.18 -12.40
N ASN A 28 1.65 -12.29 -11.57
CA ASN A 28 0.22 -12.19 -11.34
C ASN A 28 -0.41 -11.07 -12.16
N GLY A 29 -1.66 -11.29 -12.56
CA GLY A 29 -2.43 -10.26 -13.23
C GLY A 29 -3.75 -10.05 -12.53
N LEU A 30 -4.40 -8.94 -12.87
CA LEU A 30 -5.68 -8.56 -12.27
C LEU A 30 -6.73 -8.56 -13.37
N TRP A 31 -7.68 -9.49 -13.27
CA TRP A 31 -8.65 -9.75 -14.31
C TRP A 31 -9.94 -9.01 -13.98
N LEU A 32 -10.20 -7.91 -14.67
CA LEU A 32 -11.41 -7.11 -14.48
C LEU A 32 -12.13 -6.97 -15.81
N ASP A 33 -13.40 -7.37 -15.85
CA ASP A 33 -14.18 -7.42 -17.10
C ASP A 33 -13.36 -8.27 -18.09
N ASP A 34 -13.11 -7.79 -19.31
CA ASP A 34 -12.36 -8.57 -20.29
C ASP A 34 -10.92 -8.10 -20.44
N VAL A 35 -10.32 -7.53 -19.39
CA VAL A 35 -8.96 -7.03 -19.44
C VAL A 35 -8.18 -7.61 -18.27
N VAL A 36 -6.93 -8.01 -18.54
CA VAL A 36 -6.00 -8.47 -17.52
C VAL A 36 -4.89 -7.44 -17.43
N TYR A 37 -4.69 -6.91 -16.22
CA TYR A 37 -3.68 -5.89 -15.95
C TYR A 37 -2.49 -6.58 -15.28
N CYS A 38 -1.29 -6.37 -15.80
CA CYS A 38 -0.13 -6.93 -15.11
C CYS A 38 1.07 -6.02 -15.35
N PRO A 39 2.14 -6.20 -14.57
CA PRO A 39 3.36 -5.44 -14.83
C PRO A 39 3.97 -5.78 -16.17
N ARG A 40 4.48 -4.76 -16.86
CA ARG A 40 5.12 -5.02 -18.14
C ARG A 40 6.42 -5.79 -18.00
N ALA A 41 6.94 -5.94 -16.78
CA ALA A 41 8.14 -6.75 -16.55
C ALA A 41 7.96 -8.20 -16.97
N VAL A 42 6.73 -8.64 -17.23
CA VAL A 42 6.51 -10.02 -17.66
C VAL A 42 7.14 -10.31 -19.02
N ILE A 43 7.41 -9.30 -19.84
CA ILE A 43 7.94 -9.54 -21.19
C ILE A 43 9.46 -9.50 -21.23
N CYS A 44 10.10 -9.45 -20.06
CA CYS A 44 11.56 -9.50 -19.99
C CYS A 44 12.05 -10.87 -19.55
N THR A 45 13.24 -11.23 -20.03
CA THR A 45 14.01 -12.34 -19.50
C THR A 45 15.23 -11.79 -18.77
N SER A 46 15.93 -12.69 -18.07
CA SER A 46 17.00 -12.27 -17.16
C SER A 46 18.04 -11.40 -17.85
N GLU A 47 18.26 -11.59 -19.15
CA GLU A 47 19.24 -10.79 -19.87
C GLU A 47 18.72 -9.41 -20.25
N ASP A 48 17.42 -9.16 -20.10
CA ASP A 48 16.83 -7.88 -20.51
C ASP A 48 16.65 -6.91 -19.36
N MET A 49 16.84 -7.33 -18.11
CA MET A 49 16.27 -6.59 -16.99
C MET A 49 17.09 -5.40 -16.52
N LEU A 50 18.34 -5.24 -16.97
CA LEU A 50 19.11 -4.10 -16.45
C LEU A 50 18.74 -2.81 -17.17
N ASN A 51 18.45 -2.88 -18.47
CA ASN A 51 17.95 -1.72 -19.22
C ASN A 51 17.09 -2.19 -20.37
N PRO A 52 15.90 -2.69 -20.08
CA PRO A 52 15.01 -3.11 -21.15
C PRO A 52 14.39 -1.92 -21.85
N ASN A 53 14.19 -2.04 -23.15
CA ASN A 53 13.36 -1.11 -23.88
C ASN A 53 12.04 -1.84 -24.11
N TYR A 54 11.05 -1.51 -23.28
CA TYR A 54 9.79 -2.25 -23.30
C TYR A 54 9.05 -2.07 -24.61
N GLU A 55 9.11 -0.88 -25.22
CA GLU A 55 8.43 -0.69 -26.49
C GLU A 55 9.02 -1.61 -27.55
N ASP A 56 10.35 -1.73 -27.57
CA ASP A 56 11.00 -2.62 -28.52
C ASP A 56 10.75 -4.09 -28.18
N LEU A 57 10.69 -4.42 -26.88
CA LEU A 57 10.42 -5.81 -26.50
C LEU A 57 8.99 -6.20 -26.83
N LEU A 58 8.04 -5.27 -26.69
CA LEU A 58 6.63 -5.60 -26.85
C LEU A 58 6.23 -5.75 -28.32
N ILE A 59 6.79 -4.95 -29.22
CA ILE A 59 6.38 -5.06 -30.61
C ILE A 59 6.80 -6.40 -31.20
N ARG A 60 7.77 -7.09 -30.57
CA ARG A 60 8.19 -8.41 -30.98
C ARG A 60 7.29 -9.52 -30.46
N LYS A 61 6.23 -9.17 -29.72
CA LYS A 61 5.31 -10.13 -29.16
C LYS A 61 4.00 -10.16 -29.93
N SER A 62 3.38 -11.34 -29.97
CA SER A 62 2.03 -11.52 -30.46
C SER A 62 1.10 -11.79 -29.28
N ASN A 63 -0.20 -11.72 -29.55
CA ASN A 63 -1.19 -12.06 -28.51
C ASN A 63 -0.95 -13.45 -27.95
N HIS A 64 -0.63 -14.41 -28.82
CA HIS A 64 -0.45 -15.78 -28.36
C HIS A 64 0.88 -16.00 -27.65
N ASN A 65 1.74 -14.98 -27.57
CA ASN A 65 2.92 -15.07 -26.73
C ASN A 65 2.60 -14.89 -25.25
N PHE A 66 1.36 -14.51 -24.92
CA PHE A 66 0.93 -14.32 -23.54
C PHE A 66 -0.01 -15.45 -23.15
N LEU A 67 0.36 -16.20 -22.12
CA LEU A 67 -0.47 -17.26 -21.56
C LEU A 67 -1.05 -16.76 -20.25
N VAL A 68 -2.38 -16.65 -20.20
CA VAL A 68 -3.10 -16.19 -19.02
C VAL A 68 -3.92 -17.36 -18.48
N GLN A 69 -3.76 -17.65 -17.19
CA GLN A 69 -4.47 -18.76 -16.58
C GLN A 69 -5.23 -18.26 -15.35
N ALA A 70 -6.54 -18.53 -15.32
CA ALA A 70 -7.40 -18.22 -14.19
C ALA A 70 -7.75 -19.55 -13.53
N GLY A 71 -7.13 -19.83 -12.39
CA GLY A 71 -7.24 -21.14 -11.79
C GLY A 71 -6.65 -22.19 -12.70
N ASN A 72 -7.51 -22.97 -13.35
CA ASN A 72 -7.06 -23.92 -14.34
C ASN A 72 -7.55 -23.59 -15.75
N VAL A 73 -8.53 -22.71 -15.89
CA VAL A 73 -8.96 -22.26 -17.21
C VAL A 73 -7.87 -21.39 -17.82
N GLN A 74 -7.59 -21.61 -19.10
CA GLN A 74 -6.71 -20.73 -19.85
C GLN A 74 -7.56 -19.69 -20.56
N LEU A 75 -7.15 -18.43 -20.46
CA LEU A 75 -7.82 -17.32 -21.11
C LEU A 75 -7.03 -16.95 -22.36
N ARG A 76 -7.72 -16.81 -23.49
CA ARG A 76 -7.08 -16.44 -24.74
C ARG A 76 -6.96 -14.93 -24.81
N VAL A 77 -5.74 -14.46 -25.10
CA VAL A 77 -5.47 -13.04 -25.26
C VAL A 77 -5.80 -12.65 -26.70
N ILE A 78 -6.67 -11.65 -26.86
CA ILE A 78 -7.10 -11.19 -28.17
C ILE A 78 -6.63 -9.77 -28.47
N GLY A 79 -5.80 -9.21 -27.59
CA GLY A 79 -5.28 -7.87 -27.80
C GLY A 79 -4.40 -7.51 -26.64
N HIS A 80 -3.48 -6.58 -26.90
CA HIS A 80 -2.58 -6.14 -25.85
C HIS A 80 -2.12 -4.73 -26.13
N SER A 81 -1.82 -4.00 -25.07
CA SER A 81 -1.31 -2.65 -25.16
C SER A 81 -0.55 -2.34 -23.88
N MET A 82 0.41 -1.44 -23.98
CA MET A 82 1.18 -0.99 -22.84
C MET A 82 0.71 0.40 -22.44
N GLN A 83 0.54 0.61 -21.14
CA GLN A 83 0.21 1.93 -20.59
C GLN A 83 1.14 2.15 -19.41
N ASN A 84 2.11 3.06 -19.55
CA ASN A 84 3.10 3.33 -18.51
C ASN A 84 3.82 2.03 -18.21
N CYS A 85 3.85 1.52 -16.98
CA CYS A 85 4.53 0.27 -16.71
C CYS A 85 3.59 -0.92 -16.49
N VAL A 86 2.36 -0.84 -16.98
CA VAL A 86 1.50 -2.03 -16.95
C VAL A 86 1.14 -2.41 -18.38
N LEU A 87 0.86 -3.70 -18.56
CA LEU A 87 0.26 -4.20 -19.79
C LEU A 87 -1.23 -4.41 -19.58
N LYS A 88 -2.02 -4.09 -20.60
CA LYS A 88 -3.44 -4.40 -20.61
C LYS A 88 -3.66 -5.49 -21.64
N LEU A 89 -4.00 -6.69 -21.19
CA LEU A 89 -4.22 -7.84 -22.05
C LEU A 89 -5.73 -8.03 -22.21
N LYS A 90 -6.22 -7.80 -23.42
CA LYS A 90 -7.61 -8.08 -23.76
C LYS A 90 -7.81 -9.59 -23.88
N VAL A 91 -8.76 -10.13 -23.13
CA VAL A 91 -9.03 -11.56 -23.17
C VAL A 91 -10.44 -11.80 -23.71
N ASP A 92 -10.68 -13.04 -24.16
CA ASP A 92 -11.93 -13.39 -24.81
C ASP A 92 -13.07 -13.61 -23.82
N THR A 93 -12.79 -13.64 -22.52
CA THR A 93 -13.78 -13.91 -21.49
C THR A 93 -13.80 -12.76 -20.49
N ALA A 94 -14.99 -12.25 -20.20
CA ALA A 94 -15.14 -11.29 -19.12
C ALA A 94 -15.20 -12.05 -17.80
N ASN A 95 -14.53 -11.50 -16.79
CA ASN A 95 -14.49 -12.16 -15.49
C ASN A 95 -15.85 -12.08 -14.84
N PRO A 96 -16.56 -13.21 -14.63
CA PRO A 96 -17.87 -13.13 -13.98
C PRO A 96 -17.81 -12.71 -12.53
N LYS A 97 -16.64 -12.77 -11.89
CA LYS A 97 -16.47 -12.35 -10.51
C LYS A 97 -16.01 -10.91 -10.38
N THR A 98 -16.08 -10.11 -11.45
CA THR A 98 -15.63 -8.72 -11.38
C THR A 98 -16.44 -7.96 -10.34
N PRO A 99 -15.81 -7.40 -9.32
CA PRO A 99 -16.54 -6.56 -8.37
C PRO A 99 -16.77 -5.17 -8.95
N LYS A 100 -17.63 -4.42 -8.27
CA LYS A 100 -17.63 -2.99 -8.47
C LYS A 100 -16.25 -2.45 -8.09
N TYR A 101 -15.65 -1.64 -8.95
CA TYR A 101 -14.28 -1.24 -8.67
C TYR A 101 -13.98 0.14 -9.21
N LYS A 102 -12.93 0.74 -8.66
CA LYS A 102 -12.31 1.96 -9.14
C LYS A 102 -10.80 1.78 -9.12
N PHE A 103 -10.10 2.56 -9.94
CA PHE A 103 -8.66 2.72 -9.85
C PHE A 103 -8.38 4.06 -9.18
N VAL A 104 -7.59 4.04 -8.11
CA VAL A 104 -7.29 5.25 -7.36
C VAL A 104 -5.78 5.36 -7.18
N ARG A 105 -5.25 6.58 -7.28
CA ARG A 105 -3.87 6.86 -6.95
C ARG A 105 -3.85 7.54 -5.59
N ILE A 106 -3.27 6.87 -4.59
CA ILE A 106 -3.36 7.36 -3.22
C ILE A 106 -2.23 8.33 -2.91
N GLN A 107 -2.45 9.12 -1.87
CA GLN A 107 -1.44 10.02 -1.34
C GLN A 107 -0.55 9.26 -0.35
N PRO A 108 0.69 9.69 -0.19
CA PRO A 108 1.54 9.08 0.84
C PRO A 108 0.89 9.26 2.21
N GLY A 109 1.10 8.29 3.08
CA GLY A 109 0.45 8.26 4.37
C GLY A 109 -0.89 7.53 4.39
N GLN A 110 -1.46 7.25 3.22
CA GLN A 110 -2.68 6.46 3.16
C GLN A 110 -2.34 4.97 3.29
N THR A 111 -3.31 4.20 3.79
CA THR A 111 -3.14 2.78 4.03
C THR A 111 -3.94 1.98 3.01
N PHE A 112 -3.56 0.71 2.86
CA PHE A 112 -4.31 -0.18 1.99
C PHE A 112 -3.99 -1.63 2.37
N SER A 113 -4.88 -2.52 1.97
CA SER A 113 -4.68 -3.95 2.15
C SER A 113 -3.96 -4.52 0.93
N VAL A 114 -3.03 -5.45 1.19
CA VAL A 114 -2.26 -6.11 0.14
C VAL A 114 -2.68 -7.57 0.11
N LEU A 115 -3.03 -8.07 -1.06
CA LEU A 115 -3.27 -9.49 -1.28
C LEU A 115 -2.01 -10.05 -1.95
N ALA A 116 -1.13 -10.65 -1.16
CA ALA A 116 0.07 -11.26 -1.70
C ALA A 116 -0.31 -12.49 -2.51
N CYS A 117 0.28 -12.60 -3.70
CA CYS A 117 -0.12 -13.62 -4.65
CA CYS A 117 -0.12 -13.60 -4.68
C CYS A 117 1.12 -14.21 -5.32
N TYR A 118 1.04 -15.50 -5.63
CA TYR A 118 2.09 -16.22 -6.33
C TYR A 118 1.45 -17.16 -7.33
N ASN A 119 1.93 -17.13 -8.57
CA ASN A 119 1.41 -17.98 -9.64
C ASN A 119 -0.11 -17.84 -9.78
N GLY A 120 -0.61 -16.63 -9.55
CA GLY A 120 -2.03 -16.36 -9.63
C GLY A 120 -2.84 -16.85 -8.45
N SER A 121 -2.19 -17.35 -7.40
CA SER A 121 -2.88 -17.91 -6.24
C SER A 121 -2.68 -17.02 -5.02
N PRO A 122 -3.73 -16.42 -4.47
CA PRO A 122 -3.55 -15.59 -3.26
C PRO A 122 -2.99 -16.41 -2.10
N SER A 123 -1.99 -15.84 -1.43
CA SER A 123 -1.34 -16.51 -0.32
C SER A 123 -1.58 -15.86 1.03
N GLY A 124 -1.82 -14.55 1.08
CA GLY A 124 -2.04 -13.87 2.34
C GLY A 124 -2.47 -12.44 2.13
N VAL A 125 -3.02 -11.86 3.20
CA VAL A 125 -3.47 -10.47 3.18
C VAL A 125 -2.89 -9.75 4.38
N TYR A 126 -2.42 -8.53 4.17
CA TYR A 126 -1.91 -7.72 5.27
C TYR A 126 -2.12 -6.24 4.94
N GLN A 127 -2.00 -5.40 5.96
CA GLN A 127 -2.22 -3.97 5.82
C GLN A 127 -0.89 -3.24 5.69
N CYS A 128 -0.87 -2.24 4.81
CA CYS A 128 0.32 -1.46 4.47
C CYS A 128 -0.03 0.02 4.48
N ALA A 129 0.99 0.86 4.61
CA ALA A 129 0.88 2.28 4.33
C ALA A 129 1.84 2.65 3.22
N MET A 130 1.44 3.64 2.42
CA MET A 130 2.36 4.28 1.49
C MET A 130 3.23 5.22 2.29
N ARG A 131 4.53 4.91 2.37
CA ARG A 131 5.44 5.73 3.15
C ARG A 131 5.56 7.12 2.53
N PRO A 132 5.96 8.11 3.31
CA PRO A 132 6.23 9.44 2.73
C PRO A 132 7.25 9.39 1.60
N ASN A 133 8.19 8.43 1.60
CA ASN A 133 9.15 8.29 0.51
C ASN A 133 8.63 7.39 -0.61
N PHE A 134 7.34 7.06 -0.60
CA PHE A 134 6.67 6.36 -1.71
C PHE A 134 7.18 4.94 -1.91
N THR A 135 7.68 4.33 -0.84
CA THR A 135 7.85 2.89 -0.77
C THR A 135 6.80 2.32 0.18
N ILE A 136 6.67 1.00 0.18
CA ILE A 136 5.87 0.33 1.19
C ILE A 136 6.72 -0.76 1.83
N LYS A 137 6.52 -0.97 3.13
CA LYS A 137 7.19 -2.04 3.85
C LYS A 137 6.28 -3.26 3.78
N GLY A 138 6.29 -3.90 2.62
CA GLY A 138 5.52 -5.09 2.39
C GLY A 138 6.27 -6.33 2.80
N SER A 139 5.71 -7.47 2.43
CA SER A 139 6.36 -8.76 2.61
C SER A 139 6.14 -9.50 1.29
N PHE A 140 7.19 -9.56 0.46
CA PHE A 140 7.07 -10.02 -0.91
C PHE A 140 8.28 -10.86 -1.28
N LEU A 141 8.05 -11.96 -2.00
CA LEU A 141 9.10 -12.80 -2.53
C LEU A 141 9.03 -12.80 -4.05
N ASN A 142 10.01 -13.44 -4.69
CA ASN A 142 9.97 -13.57 -6.14
C ASN A 142 8.70 -14.32 -6.55
N GLY A 143 8.03 -13.81 -7.57
CA GLY A 143 6.74 -14.31 -7.99
C GLY A 143 5.58 -13.47 -7.52
N SER A 144 5.82 -12.51 -6.63
CA SER A 144 4.76 -11.66 -6.09
C SER A 144 4.41 -10.51 -7.02
N CYS A 145 5.20 -10.29 -8.07
CA CYS A 145 5.00 -9.14 -8.92
C CYS A 145 3.61 -9.23 -9.53
N GLY A 146 2.87 -8.12 -9.48
CA GLY A 146 1.49 -8.11 -9.92
C GLY A 146 0.46 -8.22 -8.81
N SER A 147 0.87 -8.58 -7.60
CA SER A 147 -0.02 -8.50 -6.45
C SER A 147 -0.52 -7.07 -6.28
N VAL A 148 -1.77 -6.93 -5.80
CA VAL A 148 -2.41 -5.63 -5.76
C VAL A 148 -2.74 -5.20 -4.33
N GLY A 149 -2.74 -3.88 -4.13
CA GLY A 149 -3.20 -3.27 -2.90
C GLY A 149 -4.52 -2.58 -3.15
N PHE A 150 -5.36 -2.50 -2.11
CA PHE A 150 -6.73 -2.03 -2.34
C PHE A 150 -7.34 -1.58 -1.03
N ASN A 151 -8.40 -0.79 -1.17
CA ASN A 151 -9.33 -0.47 -0.10
C ASN A 151 -10.74 -0.81 -0.58
N ILE A 152 -11.65 -1.03 0.35
CA ILE A 152 -13.01 -1.35 -0.01
C ILE A 152 -13.95 -0.38 0.71
N ASP A 153 -14.94 0.12 -0.01
CA ASP A 153 -15.96 0.97 0.58
C ASP A 153 -17.30 0.64 -0.06
N TYR A 154 -18.23 0.15 0.76
CA TYR A 154 -19.59 -0.20 0.31
C TYR A 154 -19.54 -1.10 -0.93
N ASP A 155 -18.79 -2.20 -0.81
CA ASP A 155 -18.66 -3.24 -1.82
C ASP A 155 -17.98 -2.76 -3.10
N CYS A 156 -17.38 -1.57 -3.10
CA CYS A 156 -16.56 -1.08 -4.20
C CYS A 156 -15.08 -1.24 -3.84
N VAL A 157 -14.35 -1.97 -4.67
CA VAL A 157 -12.92 -2.16 -4.46
C VAL A 157 -12.18 -1.04 -5.17
N SER A 158 -11.45 -0.23 -4.42
CA SER A 158 -10.59 0.80 -4.98
C SER A 158 -9.18 0.24 -5.02
N PHE A 159 -8.74 -0.16 -6.20
CA PHE A 159 -7.36 -0.64 -6.37
C PHE A 159 -6.43 0.56 -6.42
N CYS A 160 -5.37 0.51 -5.63
CA CYS A 160 -4.42 1.62 -5.57
C CYS A 160 -2.96 1.23 -5.75
N TYR A 161 -2.62 -0.06 -5.75
CA TYR A 161 -1.23 -0.46 -5.83
C TYR A 161 -1.13 -1.76 -6.62
N MET A 162 -0.14 -1.83 -7.50
CA MET A 162 0.29 -3.09 -8.11
C MET A 162 1.78 -3.24 -7.87
N HIS A 163 2.18 -4.39 -7.35
CA HIS A 163 3.55 -4.59 -6.90
C HIS A 163 4.49 -4.89 -8.05
N HIS A 164 5.67 -4.26 -8.02
CA HIS A 164 6.68 -4.48 -9.06
C HIS A 164 8.01 -4.97 -8.50
N MET A 165 8.60 -4.30 -7.52
CA MET A 165 9.99 -4.61 -7.22
C MET A 165 10.33 -4.39 -5.76
N GLU A 166 11.49 -4.92 -5.38
CA GLU A 166 12.06 -4.78 -4.06
C GLU A 166 13.37 -3.99 -4.17
N LEU A 167 13.52 -3.00 -3.30
CA LEU A 167 14.70 -2.16 -3.29
C LEU A 167 15.76 -2.77 -2.37
N PRO A 168 17.01 -2.34 -2.49
CA PRO A 168 18.07 -2.97 -1.69
C PRO A 168 17.86 -2.91 -0.19
N THR A 169 17.07 -1.96 0.31
CA THR A 169 16.77 -1.91 1.73
C THR A 169 15.65 -2.87 2.14
N GLY A 170 15.14 -3.67 1.22
CA GLY A 170 14.08 -4.61 1.57
C GLY A 170 12.68 -4.03 1.58
N VAL A 171 12.52 -2.77 1.21
CA VAL A 171 11.20 -2.18 1.04
C VAL A 171 10.81 -2.30 -0.42
N HIS A 172 9.59 -1.90 -0.74
CA HIS A 172 8.97 -2.30 -1.99
C HIS A 172 8.43 -1.10 -2.75
N ALA A 173 8.43 -1.22 -4.07
CA ALA A 173 8.01 -0.15 -4.95
C ALA A 173 7.06 -0.71 -6.00
N GLY A 174 6.08 0.09 -6.39
CA GLY A 174 5.12 -0.36 -7.37
C GLY A 174 4.36 0.82 -7.95
N THR A 175 3.27 0.51 -8.64
CA THR A 175 2.56 1.50 -9.44
C THR A 175 1.10 1.58 -9.00
N ASP A 176 0.44 2.65 -9.44
CA ASP A 176 -1.01 2.63 -9.46
C ASP A 176 -1.47 1.66 -10.56
N LEU A 177 -2.77 1.50 -10.70
CA LEU A 177 -3.26 0.52 -11.66
C LEU A 177 -3.26 1.06 -13.08
N GLU A 178 -2.85 2.31 -13.28
CA GLU A 178 -2.55 2.82 -14.61
C GLU A 178 -1.09 2.65 -14.97
N GLY A 179 -0.28 2.07 -14.08
CA GLY A 179 1.11 1.83 -14.39
C GLY A 179 2.07 2.93 -14.04
N ASN A 180 1.65 3.94 -13.29
CA ASN A 180 2.53 5.02 -12.88
C ASN A 180 3.14 4.68 -11.53
N PHE A 181 4.47 4.66 -11.46
CA PHE A 181 5.11 4.35 -10.19
C PHE A 181 4.75 5.39 -9.14
N TYR A 182 4.65 4.92 -7.90
CA TYR A 182 4.77 5.80 -6.75
C TYR A 182 6.24 6.07 -6.51
N GLY A 183 6.59 7.34 -6.34
CA GLY A 183 7.97 7.71 -6.14
C GLY A 183 8.73 7.76 -7.45
N PRO A 184 10.05 7.93 -7.35
CA PRO A 184 10.88 8.19 -8.55
C PRO A 184 11.40 6.93 -9.23
N PHE A 185 10.83 5.77 -8.92
CA PHE A 185 11.42 4.52 -9.33
C PHE A 185 11.02 4.15 -10.75
N VAL A 186 11.82 3.28 -11.36
CA VAL A 186 11.59 2.76 -12.70
C VAL A 186 11.69 1.24 -12.66
N ASP A 187 11.01 0.57 -13.58
CA ASP A 187 10.97 -0.89 -13.57
C ASP A 187 12.15 -1.46 -14.37
N ARG A 188 13.32 -1.36 -13.75
CA ARG A 188 14.53 -1.99 -14.27
C ARG A 188 15.47 -2.27 -13.11
N GLN A 189 16.33 -3.27 -13.27
CA GLN A 189 17.16 -3.75 -12.17
C GLN A 189 18.46 -2.94 -12.16
N THR A 190 18.34 -1.72 -11.67
CA THR A 190 19.43 -0.76 -11.61
C THR A 190 19.64 -0.30 -10.17
N ALA A 191 20.73 0.43 -9.96
CA ALA A 191 20.97 1.09 -8.70
C ALA A 191 19.88 2.11 -8.43
N GLN A 192 18.93 1.74 -7.58
CA GLN A 192 17.91 2.67 -7.10
C GLN A 192 17.82 2.53 -5.60
N ALA A 193 17.47 3.63 -4.94
CA ALA A 193 17.36 3.61 -3.49
C ALA A 193 16.22 4.49 -3.04
N ALA A 194 15.46 3.99 -2.06
CA ALA A 194 14.43 4.80 -1.42
C ALA A 194 15.06 6.03 -0.78
N GLY A 195 14.43 7.18 -0.98
CA GLY A 195 14.85 8.38 -0.28
C GLY A 195 14.61 8.27 1.21
N THR A 196 15.11 9.26 1.95
CA THR A 196 14.96 9.25 3.39
C THR A 196 13.49 9.32 3.77
N ASP A 197 13.07 8.47 4.68
CA ASP A 197 11.67 8.39 5.08
C ASP A 197 11.43 9.17 6.37
N THR A 198 10.15 9.47 6.60
CA THR A 198 9.71 10.20 7.78
C THR A 198 8.51 9.48 8.37
N THR A 199 8.17 9.84 9.60
CA THR A 199 7.04 9.25 10.29
C THR A 199 5.78 10.04 9.97
N ILE A 200 4.68 9.32 9.75
CA ILE A 200 3.41 9.94 9.36
C ILE A 200 2.71 10.50 10.58
N THR A 201 2.90 11.80 10.83
CA THR A 201 2.49 12.40 12.10
C THR A 201 0.98 12.30 12.33
N VAL A 202 0.18 12.59 11.32
CA VAL A 202 -1.27 12.58 11.51
C VAL A 202 -1.74 11.18 11.87
N ASN A 203 -1.04 10.15 11.38
CA ASN A 203 -1.41 8.78 11.71
C ASN A 203 -1.04 8.43 13.14
N VAL A 204 0.12 8.89 13.61
CA VAL A 204 0.48 8.68 15.00
C VAL A 204 -0.56 9.31 15.91
N LEU A 205 -1.00 10.52 15.58
CA LEU A 205 -2.02 11.20 16.38
C LEU A 205 -3.34 10.42 16.37
N ALA A 206 -3.73 9.90 15.19
CA ALA A 206 -4.95 9.11 15.10
C ALA A 206 -4.88 7.87 15.98
N TRP A 207 -3.69 7.26 16.05
CA TRP A 207 -3.50 6.05 16.85
C TRP A 207 -3.51 6.38 18.34
N LEU A 208 -2.98 7.54 18.72
CA LEU A 208 -3.13 7.98 20.10
C LEU A 208 -4.60 8.18 20.46
N TYR A 209 -5.39 8.70 19.53
CA TYR A 209 -6.83 8.84 19.77
C TYR A 209 -7.49 7.47 19.91
N ALA A 210 -7.06 6.50 19.11
CA ALA A 210 -7.57 5.14 19.23
C ALA A 210 -7.29 4.58 20.63
N ALA A 211 -6.09 4.84 21.16
CA ALA A 211 -5.75 4.38 22.49
C ALA A 211 -6.66 4.99 23.54
N VAL A 212 -6.99 6.28 23.39
CA VAL A 212 -7.91 6.92 24.33
C VAL A 212 -9.31 6.33 24.21
N ILE A 213 -9.78 6.13 22.97
CA ILE A 213 -11.09 5.53 22.74
C ILE A 213 -11.19 4.18 23.44
N ASN A 214 -10.11 3.40 23.38
CA ASN A 214 -10.11 2.08 23.98
C ASN A 214 -9.82 2.09 25.48
N GLY A 215 -9.59 3.27 26.07
CA GLY A 215 -9.60 3.39 27.52
C GLY A 215 -8.31 3.78 28.20
N ASP A 216 -7.30 4.19 27.44
CA ASP A 216 -5.96 4.44 27.98
C ASP A 216 -5.63 5.92 27.82
N ARG A 217 -5.26 6.57 28.93
CA ARG A 217 -4.95 8.01 28.91
C ARG A 217 -3.59 8.34 29.51
N TRP A 218 -2.75 7.34 29.80
CA TRP A 218 -1.57 7.59 30.63
C TRP A 218 -0.62 8.60 30.01
N PHE A 219 -0.64 8.72 28.68
CA PHE A 219 0.33 9.53 27.95
C PHE A 219 -0.09 10.98 27.78
N LEU A 220 -1.32 11.35 28.13
CA LEU A 220 -1.76 12.73 28.03
C LEU A 220 -1.04 13.58 29.06
N ASN A 221 -1.11 14.91 28.87
CA ASN A 221 -0.58 15.84 29.86
C ASN A 221 -1.48 17.08 29.89
N ARG A 222 -1.16 18.01 30.77
CA ARG A 222 -1.98 19.20 30.98
C ARG A 222 -1.63 20.33 30.03
N PHE A 223 -0.63 20.13 29.17
CA PHE A 223 -0.14 21.21 28.33
C PHE A 223 -0.87 21.26 26.99
N THR A 224 -0.60 22.31 26.24
CA THR A 224 -0.98 22.40 24.84
C THR A 224 0.21 22.98 24.08
N THR A 225 0.03 23.18 22.78
CA THR A 225 1.09 23.67 21.93
C THR A 225 0.47 24.40 20.75
N THR A 226 1.24 25.33 20.18
CA THR A 226 0.85 25.87 18.89
C THR A 226 1.26 24.90 17.80
N LEU A 227 0.60 25.01 16.65
CA LEU A 227 0.94 24.15 15.53
C LEU A 227 2.38 24.36 15.09
N ASN A 228 2.85 25.60 15.09
CA ASN A 228 4.23 25.85 14.70
C ASN A 228 5.19 25.30 15.74
N ASP A 229 4.91 25.50 17.03
CA ASP A 229 5.80 24.98 18.05
C ASP A 229 5.86 23.46 18.03
N PHE A 230 4.76 22.80 17.67
CA PHE A 230 4.78 21.35 17.54
C PHE A 230 5.69 20.91 16.39
N ASN A 231 5.55 21.57 15.23
CA ASN A 231 6.30 21.14 14.06
C ASN A 231 7.79 21.32 14.25
N LEU A 232 8.22 22.31 15.02
CA LEU A 232 9.64 22.46 15.29
C LEU A 232 10.16 21.31 16.14
N VAL A 233 9.32 20.73 16.99
CA VAL A 233 9.71 19.52 17.70
C VAL A 233 9.61 18.31 16.77
N ALA A 234 8.53 18.22 16.01
CA ALA A 234 8.34 17.09 15.10
C ALA A 234 9.47 16.99 14.10
N MET A 235 9.95 18.13 13.59
CA MET A 235 10.99 18.10 12.58
C MET A 235 12.28 17.49 13.12
N LYS A 236 12.60 17.74 14.39
CA LYS A 236 13.83 17.21 14.95
C LYS A 236 13.73 15.72 15.26
N TYR A 237 12.55 15.12 15.21
CA TYR A 237 12.40 13.68 15.36
C TYR A 237 12.02 13.00 14.06
N ASN A 238 12.25 13.67 12.93
CA ASN A 238 11.99 13.11 11.59
C ASN A 238 10.52 12.78 11.39
N TYR A 239 9.64 13.59 11.97
CA TYR A 239 8.21 13.49 11.72
C TYR A 239 7.79 14.43 10.62
N GLU A 240 6.77 14.00 9.86
CA GLU A 240 6.21 14.87 8.84
C GLU A 240 5.67 16.14 9.47
N PRO A 241 5.80 17.28 8.82
CA PRO A 241 5.10 18.48 9.30
C PRO A 241 3.59 18.24 9.34
N LEU A 242 2.98 18.64 10.44
CA LEU A 242 1.53 18.56 10.57
C LEU A 242 0.92 19.84 10.02
N THR A 243 -0.08 19.70 9.17
CA THR A 243 -0.72 20.84 8.53
C THR A 243 -2.08 21.08 9.14
N GLN A 244 -2.65 22.25 8.83
CA GLN A 244 -4.01 22.55 9.25
C GLN A 244 -5.00 21.57 8.63
N ASP A 245 -4.70 21.07 7.44
CA ASP A 245 -5.57 20.06 6.85
C ASP A 245 -5.57 18.77 7.68
N HIS A 246 -4.40 18.39 8.21
CA HIS A 246 -4.33 17.24 9.10
C HIS A 246 -5.12 17.49 10.37
N VAL A 247 -5.06 18.72 10.91
CA VAL A 247 -5.81 19.06 12.11
C VAL A 247 -7.31 18.89 11.86
N ASP A 248 -7.79 19.36 10.71
CA ASP A 248 -9.21 19.23 10.39
C ASP A 248 -9.61 17.78 10.22
N ILE A 249 -8.74 16.97 9.62
CA ILE A 249 -9.06 15.55 9.41
C ILE A 249 -9.19 14.82 10.74
N LEU A 250 -8.42 15.24 11.74
CA LEU A 250 -8.53 14.67 13.08
C LEU A 250 -9.71 15.22 13.87
N GLY A 251 -10.55 16.05 13.25
CA GLY A 251 -11.71 16.63 13.90
C GLY A 251 -12.63 15.62 14.57
N PRO A 252 -13.15 14.64 13.81
CA PRO A 252 -14.07 13.66 14.41
C PRO A 252 -13.47 12.92 15.60
N LEU A 253 -12.21 12.50 15.51
CA LEU A 253 -11.60 11.79 16.64
C LEU A 253 -11.43 12.70 17.85
N SER A 254 -11.10 13.98 17.60
CA SER A 254 -11.00 14.92 18.70
C SER A 254 -12.35 15.15 19.37
N ALA A 255 -13.42 15.21 18.58
CA ALA A 255 -14.75 15.39 19.15
C ALA A 255 -15.18 14.18 19.97
N GLN A 256 -14.89 12.97 19.48
CA GLN A 256 -15.33 11.77 20.20
C GLN A 256 -14.63 11.63 21.54
N THR A 257 -13.40 12.10 21.66
CA THR A 257 -12.62 11.92 22.89
C THR A 257 -12.56 13.15 23.76
N GLY A 258 -12.99 14.32 23.26
CA GLY A 258 -12.90 15.53 24.05
C GLY A 258 -11.49 16.03 24.24
N ILE A 259 -10.55 15.58 23.41
CA ILE A 259 -9.16 16.00 23.48
C ILE A 259 -8.89 16.85 22.25
N ALA A 260 -8.61 18.13 22.46
CA ALA A 260 -8.29 19.01 21.34
C ALA A 260 -7.08 18.50 20.58
N VAL A 261 -7.08 18.73 19.27
CA VAL A 261 -5.99 18.21 18.43
C VAL A 261 -4.64 18.73 18.91
N LEU A 262 -4.56 20.04 19.18
CA LEU A 262 -3.30 20.60 19.66
C LEU A 262 -2.94 20.10 21.05
N ASP A 263 -3.91 19.62 21.83
CA ASP A 263 -3.58 19.00 23.11
C ASP A 263 -2.97 17.63 22.91
N MET A 264 -3.49 16.85 21.95
CA MET A 264 -2.86 15.57 21.64
C MET A 264 -1.46 15.78 21.06
N CYS A 265 -1.25 16.87 20.32
CA CYS A 265 0.09 17.18 19.85
C CYS A 265 1.05 17.42 21.00
N ALA A 266 0.56 18.06 22.07
CA ALA A 266 1.41 18.26 23.24
C ALA A 266 1.72 16.93 23.92
N SER A 267 0.76 16.01 23.93
CA SER A 267 1.04 14.67 24.42
C SER A 267 2.08 13.97 23.56
N LEU A 268 1.95 14.08 22.24
CA LEU A 268 2.91 13.45 21.33
C LEU A 268 4.29 14.07 21.49
N LYS A 269 4.36 15.40 21.60
CA LYS A 269 5.64 16.07 21.83
C LYS A 269 6.33 15.51 23.06
N GLU A 270 5.58 15.30 24.14
CA GLU A 270 6.18 14.77 25.36
C GLU A 270 6.63 13.32 25.17
N LEU A 271 5.84 12.52 24.46
CA LEU A 271 6.25 11.14 24.17
C LEU A 271 7.54 11.11 23.36
N LEU A 272 7.69 12.03 22.41
CA LEU A 272 8.91 12.08 21.62
C LEU A 272 10.10 12.51 22.45
N GLN A 273 9.90 13.46 23.37
CA GLN A 273 11.00 13.96 24.19
C GLN A 273 11.36 12.99 25.31
N ASN A 274 10.37 12.34 25.91
CA ASN A 274 10.60 11.52 27.09
C ASN A 274 10.67 10.02 26.78
N GLY A 275 10.21 9.59 25.62
CA GLY A 275 10.03 8.17 25.39
C GLY A 275 8.80 7.65 26.10
N MET A 276 8.68 6.32 26.12
CA MET A 276 7.49 5.67 26.68
C MET A 276 7.69 5.22 28.12
N ASN A 277 8.91 5.26 28.64
CA ASN A 277 9.20 4.83 30.02
C ASN A 277 8.84 3.37 30.24
N GLY A 278 9.14 2.53 29.25
CA GLY A 278 8.85 1.11 29.37
C GLY A 278 7.39 0.75 29.38
N ARG A 279 6.51 1.68 29.01
CA ARG A 279 5.09 1.40 28.87
C ARG A 279 4.76 1.13 27.40
N THR A 280 3.56 0.60 27.18
CA THR A 280 3.08 0.33 25.84
C THR A 280 1.79 1.09 25.58
N ILE A 281 1.52 1.32 24.30
CA ILE A 281 0.26 1.90 23.84
C ILE A 281 -0.34 0.93 22.84
N LEU A 282 -1.55 0.45 23.13
CA LEU A 282 -2.23 -0.52 22.27
C LEU A 282 -1.31 -1.68 21.91
N GLY A 283 -0.51 -2.11 22.89
CA GLY A 283 0.36 -3.25 22.70
C GLY A 283 1.62 -3.01 21.91
N SER A 284 1.99 -1.75 21.67
CA SER A 284 3.20 -1.42 20.94
C SER A 284 4.13 -0.59 21.81
N ALA A 285 5.42 -0.88 21.71
CA ALA A 285 6.45 -0.09 22.39
C ALA A 285 7.01 1.02 21.50
N LEU A 286 6.53 1.13 20.26
CA LEU A 286 6.87 2.23 19.37
C LEU A 286 5.60 2.99 19.01
N LEU A 287 5.79 4.22 18.58
CA LEU A 287 4.66 5.02 18.10
C LEU A 287 4.27 4.53 16.71
N GLU A 288 3.04 4.04 16.59
CA GLU A 288 2.57 3.41 15.35
C GLU A 288 2.03 4.47 14.39
N ASP A 289 2.46 4.42 13.13
CA ASP A 289 2.04 5.44 12.17
C ASP A 289 1.38 4.85 10.91
N GLU A 290 0.92 3.61 10.94
CA GLU A 290 0.26 3.03 9.77
C GLU A 290 -1.24 2.80 10.00
N PHE A 291 -1.86 3.63 10.84
CA PHE A 291 -3.32 3.74 10.92
C PHE A 291 -3.72 5.18 10.57
N THR A 292 -4.54 5.34 9.55
CA THR A 292 -5.06 6.66 9.25
C THR A 292 -6.17 7.02 10.24
N PRO A 293 -6.57 8.30 10.30
CA PRO A 293 -7.78 8.64 11.06
C PRO A 293 -9.01 7.87 10.59
N PHE A 294 -9.13 7.62 9.29
CA PHE A 294 -10.24 6.80 8.79
C PHE A 294 -10.14 5.38 9.31
N ASP A 295 -8.93 4.84 9.37
CA ASP A 295 -8.75 3.47 9.86
C ASP A 295 -9.21 3.35 11.31
N VAL A 296 -8.97 4.39 12.11
CA VAL A 296 -9.34 4.36 13.52
C VAL A 296 -10.85 4.41 13.68
N VAL A 297 -11.50 5.32 12.95
CA VAL A 297 -12.96 5.43 13.03
C VAL A 297 -13.61 4.14 12.53
N ARG A 298 -13.04 3.53 11.50
CA ARG A 298 -13.62 2.31 10.94
C ARG A 298 -13.56 1.15 11.93
N GLN A 299 -12.52 1.09 12.75
CA GLN A 299 -12.31 -0.07 13.64
C GLN A 299 -12.79 0.18 15.06
N CYS A 300 -12.59 1.37 15.59
CA CYS A 300 -12.87 1.64 17.00
C CYS A 300 -14.37 1.80 17.24
N SER A 301 -14.75 1.61 18.50
CA SER A 301 -16.10 1.93 18.92
C SER A 301 -16.39 3.42 18.71
N GLY A 302 -17.65 3.72 18.39
CA GLY A 302 -18.07 5.11 18.43
C GLY A 302 -18.27 5.65 19.82
N VAL A 303 -18.13 4.79 20.84
CA VAL A 303 -18.31 5.16 22.24
C VAL A 303 -16.96 5.04 22.93
N THR A 304 -16.46 6.16 23.45
CA THR A 304 -15.19 6.15 24.17
C THR A 304 -15.36 5.45 25.52
N PHE A 305 -14.42 4.57 25.85
CA PHE A 305 -14.33 3.97 27.17
C PHE A 305 -13.83 5.01 28.16
N GLN A 306 -14.74 5.76 28.77
CA GLN A 306 -14.37 6.93 29.57
C GLN A 306 -13.97 6.57 30.99
N THR B 5 23.39 -2.69 -3.91
CA THR B 5 22.88 -3.70 -4.84
C THR B 5 21.85 -3.03 -5.76
N SER B 6 21.20 -3.80 -6.62
CA SER B 6 20.24 -3.30 -7.59
C SER B 6 18.83 -3.63 -7.14
N ALA B 7 17.86 -2.86 -7.63
CA ALA B 7 16.46 -3.22 -7.48
C ALA B 7 16.21 -4.56 -8.15
N VAL B 8 15.18 -5.26 -7.67
CA VAL B 8 14.85 -6.60 -8.14
C VAL B 8 13.40 -6.60 -8.57
N LEU B 9 13.16 -6.89 -9.85
CA LEU B 9 11.79 -7.07 -10.32
C LEU B 9 11.32 -8.46 -9.89
N GLN B 10 10.35 -8.51 -8.97
CA GLN B 10 10.04 -9.77 -8.31
C GLN B 10 9.08 -10.65 -9.12
N SER B 11 9.41 -10.84 -10.39
CA SER B 11 8.71 -11.80 -11.21
C SER B 11 9.12 -13.22 -10.81
N GLY B 12 8.36 -14.20 -11.29
CA GLY B 12 8.61 -15.59 -11.02
C GLY B 12 9.14 -16.33 -12.24
N PHE B 13 9.61 -17.55 -11.99
CA PHE B 13 10.15 -18.43 -13.01
C PHE B 13 9.20 -19.60 -13.22
N ARG B 14 9.09 -20.05 -14.46
CA ARG B 14 8.17 -21.13 -14.79
C ARG B 14 8.74 -22.01 -15.91
#